data_2XK4
#
_entry.id   2XK4
#
_cell.length_a   101.190
_cell.length_b   56.910
_cell.length_c   74.340
_cell.angle_alpha   90.00
_cell.angle_beta   126.99
_cell.angle_gamma   90.00
#
_symmetry.space_group_name_H-M   'C 1 2 1'
#
loop_
_entity.id
_entity.type
_entity.pdbx_description
1 polymer 'SERINE/THREONINE-PROTEIN KINASE NEK2'
2 non-polymer '4-[3-amino-6-(3,4,5-trimethoxyphenyl)pyrazin-2-yl]-2-ethoxybenzoic acid'
3 non-polymer 'CHLORIDE ION'
4 water water
#
_entity_poly.entity_id   1
_entity_poly.type   'polypeptide(L)'
_entity_poly.pdbx_seq_one_letter_code
;MPSRAEDYEVLYTIGTGSYGRCQKIRRKSDGKILVWKELDYGSMTEAEKQMLVSEVNLLRELKHPNIVRYYDRIIDRTNT
TLYIVMEYCEGGDLASVITKGTKERQYLDEEFVLRVMTQLTLALKECHRRSDGGHTVLHRDLKPANVFLDGKQNVKLGDF
GLARILNHDTSFAKTFVGTPYYMSPEQMNRMSYNEKSDIWSLGCLLYELCALMPPFTAFSQKELAGKIREGKFRRIPYRY
SDELNEIITRMLNLKDYHRPSVEEILENPLILEHHHHHH
;
_entity_poly.pdbx_strand_id   A
#
# COMPACT_ATOMS: atom_id res chain seq x y z
N SER A 3 -17.88 -19.56 -2.01
CA SER A 3 -19.07 -20.03 -1.31
C SER A 3 -18.73 -20.98 -0.17
N ARG A 4 -17.93 -22.01 -0.44
CA ARG A 4 -17.56 -22.98 0.59
C ARG A 4 -16.06 -23.19 0.68
N ALA A 5 -15.56 -23.36 1.90
CA ALA A 5 -14.15 -23.62 2.14
C ALA A 5 -13.66 -24.80 1.30
N GLU A 6 -14.51 -25.83 1.17
CA GLU A 6 -14.12 -27.05 0.47
C GLU A 6 -13.95 -26.83 -1.02
N ASP A 7 -14.32 -25.65 -1.50
CA ASP A 7 -14.03 -25.29 -2.90
C ASP A 7 -12.55 -24.95 -3.09
N TYR A 8 -11.81 -24.82 -1.99
CA TYR A 8 -10.40 -24.45 -2.04
C TYR A 8 -9.52 -25.39 -1.22
N GLU A 9 -8.27 -25.52 -1.62
CA GLU A 9 -7.31 -26.26 -0.83
C GLU A 9 -6.15 -25.38 -0.40
N VAL A 10 -5.88 -25.35 0.90
CA VAL A 10 -4.75 -24.60 1.43
C VAL A 10 -3.43 -25.26 1.05
N LEU A 11 -2.52 -24.51 0.45
CA LEU A 11 -1.18 -25.03 0.16
C LEU A 11 -0.27 -24.83 1.37
N TYR A 12 -0.19 -23.59 1.85
CA TYR A 12 0.57 -23.28 3.05
C TYR A 12 0.33 -21.84 3.52
N THR A 13 0.82 -21.54 4.71
CA THR A 13 0.64 -20.24 5.33
C THR A 13 1.74 -19.33 4.86
N ILE A 14 1.37 -18.14 4.37
CA ILE A 14 2.35 -17.14 3.99
C ILE A 14 2.74 -16.31 5.21
N GLY A 15 1.74 -15.83 5.94
CA GLY A 15 1.96 -15.00 7.12
C GLY A 15 0.90 -15.16 8.20
N THR A 16 1.17 -14.58 9.37
CA THR A 16 0.26 -14.65 10.50
C THR A 16 0.30 -13.36 11.31
N TYR A 19 -4.85 -10.38 13.19
CA TYR A 19 -5.97 -10.57 12.28
C TYR A 19 -5.87 -11.90 11.55
N GLY A 20 -5.62 -12.96 12.32
CA GLY A 20 -5.50 -14.30 11.77
C GLY A 20 -4.35 -14.48 10.81
N ARG A 21 -4.37 -15.57 10.05
CA ARG A 21 -3.30 -15.86 9.11
C ARG A 21 -3.68 -15.69 7.64
N CYS A 22 -2.67 -15.56 6.81
CA CYS A 22 -2.85 -15.39 5.39
C CYS A 22 -2.26 -16.64 4.74
N GLN A 23 -3.01 -17.27 3.84
CA GLN A 23 -2.58 -18.55 3.29
C GLN A 23 -2.68 -18.58 1.77
N LYS A 24 -1.72 -19.23 1.14
CA LYS A 24 -1.83 -19.46 -0.29
C LYS A 24 -2.74 -20.65 -0.48
N ILE A 25 -3.66 -20.54 -1.43
CA ILE A 25 -4.67 -21.57 -1.64
C ILE A 25 -4.87 -21.82 -3.14
N ARG A 26 -5.49 -22.96 -3.43
CA ARG A 26 -5.77 -23.33 -4.81
C ARG A 26 -7.26 -23.61 -5.00
N ARG A 27 -7.87 -22.88 -5.92
CA ARG A 27 -9.27 -23.08 -6.23
C ARG A 27 -9.41 -24.39 -7.01
N LYS A 28 -10.22 -25.32 -6.48
CA LYS A 28 -10.33 -26.65 -7.06
C LYS A 28 -10.89 -26.66 -8.48
N SER A 29 -11.90 -25.83 -8.74
CA SER A 29 -12.59 -25.85 -10.03
C SER A 29 -11.66 -25.71 -11.24
N ASP A 30 -10.64 -24.86 -11.13
CA ASP A 30 -9.76 -24.59 -12.27
C ASP A 30 -8.28 -24.49 -11.88
N GLY A 31 -7.97 -24.72 -10.61
CA GLY A 31 -6.59 -24.71 -10.15
C GLY A 31 -5.98 -23.33 -9.97
N LYS A 32 -6.80 -22.28 -10.05
CA LYS A 32 -6.27 -20.93 -9.89
C LYS A 32 -5.64 -20.70 -8.52
N ILE A 33 -4.44 -20.11 -8.50
CA ILE A 33 -3.75 -19.79 -7.25
C ILE A 33 -4.24 -18.47 -6.66
N LEU A 34 -4.66 -18.51 -5.40
CA LEU A 34 -5.21 -17.34 -4.72
C LEU A 34 -4.62 -17.28 -3.32
N VAL A 35 -5.04 -16.30 -2.52
CA VAL A 35 -4.75 -16.38 -1.10
C VAL A 35 -6.04 -16.09 -0.32
N TRP A 36 -6.09 -16.50 0.93
CA TRP A 36 -7.16 -15.99 1.76
C TRP A 36 -6.67 -15.49 3.11
N LYS A 37 -7.42 -14.55 3.68
CA LYS A 37 -7.16 -14.04 5.01
C LYS A 37 -8.17 -14.68 5.96
N GLU A 38 -7.68 -15.21 7.07
CA GLU A 38 -8.47 -16.03 7.99
C GLU A 38 -8.76 -15.29 9.28
N LEU A 39 -10.03 -14.98 9.53
CA LEU A 39 -10.40 -14.19 10.71
C LEU A 39 -11.37 -14.93 11.63
N ASP A 40 -10.97 -15.13 12.89
CA ASP A 40 -11.85 -15.74 13.90
C ASP A 40 -12.76 -14.67 14.48
N TYR A 41 -14.06 -14.74 14.20
CA TYR A 41 -15.00 -13.72 14.69
C TYR A 41 -15.76 -14.17 15.92
N GLY A 42 -15.38 -15.32 16.46
CA GLY A 42 -16.08 -15.92 17.58
C GLY A 42 -16.22 -15.03 18.80
N SER A 43 -15.19 -14.22 19.07
CA SER A 43 -15.19 -13.36 20.26
C SER A 43 -15.78 -11.97 19.99
N MET A 44 -16.25 -11.75 18.77
CA MET A 44 -16.78 -10.44 18.41
C MET A 44 -18.23 -10.27 18.84
N THR A 45 -18.61 -9.02 19.09
CA THR A 45 -19.97 -8.67 19.46
C THR A 45 -20.81 -8.49 18.20
N GLU A 46 -22.12 -8.38 18.39
CA GLU A 46 -23.01 -8.21 17.25
C GLU A 46 -22.68 -6.94 16.49
N ALA A 47 -22.43 -5.86 17.24
CA ALA A 47 -22.09 -4.57 16.66
C ALA A 47 -20.85 -4.69 15.79
N GLU A 48 -19.82 -5.33 16.32
CA GLU A 48 -18.56 -5.50 15.60
C GLU A 48 -18.72 -6.35 14.34
N LYS A 49 -19.48 -7.43 14.44
CA LYS A 49 -19.76 -8.28 13.30
C LYS A 49 -20.51 -7.51 12.22
N GLN A 50 -21.36 -6.58 12.65
CA GLN A 50 -22.11 -5.73 11.73
C GLN A 50 -21.21 -4.83 10.90
N MET A 51 -20.25 -4.20 11.56
CA MET A 51 -19.32 -3.32 10.84
C MET A 51 -18.26 -4.13 10.11
N LEU A 52 -18.17 -5.41 10.43
CA LEU A 52 -17.33 -6.33 9.67
C LEU A 52 -17.99 -6.61 8.33
N VAL A 53 -19.30 -6.87 8.38
CA VAL A 53 -20.11 -7.05 7.18
C VAL A 53 -20.05 -5.82 6.29
N SER A 54 -20.06 -4.64 6.90
CA SER A 54 -19.99 -3.39 6.17
C SER A 54 -18.64 -3.25 5.46
N GLU A 55 -17.56 -3.52 6.18
CA GLU A 55 -16.22 -3.48 5.59
C GLU A 55 -16.10 -4.42 4.40
N VAL A 56 -16.57 -5.66 4.57
CA VAL A 56 -16.42 -6.67 3.52
C VAL A 56 -17.18 -6.30 2.24
N ASN A 57 -18.38 -5.74 2.40
CA ASN A 57 -19.15 -5.27 1.25
C ASN A 57 -18.40 -4.18 0.50
N LEU A 58 -17.70 -3.34 1.26
CA LEU A 58 -16.90 -2.26 0.71
C LEU A 58 -15.78 -2.76 -0.19
N LEU A 59 -15.14 -3.85 0.21
CA LEU A 59 -14.04 -4.44 -0.55
C LEU A 59 -14.55 -5.12 -1.81
N ARG A 60 -15.76 -5.65 -1.75
CA ARG A 60 -16.37 -6.30 -2.89
C ARG A 60 -16.70 -5.29 -3.99
N GLU A 61 -16.74 -4.01 -3.61
CA GLU A 61 -17.08 -2.94 -4.55
C GLU A 61 -15.91 -2.50 -5.42
N LEU A 62 -14.84 -2.04 -4.78
CA LEU A 62 -13.68 -1.51 -5.49
C LEU A 62 -13.04 -2.53 -6.43
N LYS A 63 -13.10 -2.26 -7.73
CA LYS A 63 -12.39 -3.07 -8.71
C LYS A 63 -11.50 -2.19 -9.58
N HIS A 64 -10.21 -2.51 -9.63
CA HIS A 64 -9.22 -1.67 -10.31
C HIS A 64 -7.92 -2.48 -10.42
N PRO A 65 -7.20 -2.35 -11.54
CA PRO A 65 -5.97 -3.13 -11.74
C PRO A 65 -4.89 -2.85 -10.68
N ASN A 66 -4.90 -1.66 -10.10
CA ASN A 66 -3.88 -1.32 -9.09
C ASN A 66 -4.40 -1.37 -7.64
N ILE A 67 -5.50 -2.08 -7.45
CA ILE A 67 -6.01 -2.36 -6.11
C ILE A 67 -6.14 -3.87 -5.94
N VAL A 68 -5.61 -4.41 -4.83
CA VAL A 68 -5.68 -5.85 -4.60
C VAL A 68 -7.12 -6.31 -4.80
N ARG A 69 -7.32 -7.31 -5.67
CA ARG A 69 -8.66 -7.76 -6.05
C ARG A 69 -9.27 -8.78 -5.09
N TYR A 70 -10.51 -8.53 -4.67
N TYR A 70 -10.48 -8.48 -4.64
CA TYR A 70 -11.23 -9.45 -3.78
CA TYR A 70 -11.27 -9.38 -3.81
C TYR A 70 -12.22 -10.34 -4.53
C TYR A 70 -11.97 -10.39 -4.75
N TYR A 71 -12.09 -11.64 -4.29
CA TYR A 71 -12.77 -12.66 -5.07
C TYR A 71 -14.02 -13.21 -4.41
N ASP A 72 -13.93 -13.43 -3.10
CA ASP A 72 -14.95 -14.23 -2.42
C ASP A 72 -14.86 -14.01 -0.93
N ARG A 73 -15.95 -14.34 -0.24
CA ARG A 73 -15.96 -14.37 1.22
C ARG A 73 -16.55 -15.71 1.63
N ILE A 74 -15.93 -16.37 2.59
CA ILE A 74 -16.43 -17.66 3.07
C ILE A 74 -16.65 -17.62 4.57
N ILE A 75 -17.88 -17.95 4.96
CA ILE A 75 -18.21 -18.07 6.38
C ILE A 75 -18.17 -19.53 6.83
N ASP A 76 -17.32 -19.81 7.81
CA ASP A 76 -17.27 -21.13 8.43
C ASP A 76 -17.84 -21.02 9.84
N ARG A 77 -19.17 -21.08 9.93
CA ARG A 77 -19.89 -20.83 11.17
C ARG A 77 -19.52 -21.79 12.30
N THR A 78 -19.03 -22.98 11.94
CA THR A 78 -18.65 -23.98 12.93
C THR A 78 -17.41 -23.56 13.71
N ASN A 79 -16.37 -23.17 12.98
CA ASN A 79 -15.13 -22.69 13.60
C ASN A 79 -15.14 -21.18 13.80
N THR A 80 -16.31 -20.56 13.60
CA THR A 80 -16.47 -19.11 13.66
C THR A 80 -15.35 -18.38 12.92
N THR A 81 -15.02 -18.87 11.73
CA THR A 81 -13.96 -18.27 10.96
C THR A 81 -14.49 -17.72 9.65
N LEU A 82 -14.09 -16.49 9.34
CA LEU A 82 -14.37 -15.87 8.04
C LEU A 82 -13.10 -15.85 7.19
N TYR A 83 -13.24 -16.23 5.92
CA TYR A 83 -12.15 -16.19 4.95
C TYR A 83 -12.41 -15.14 3.89
N ILE A 84 -11.44 -14.27 3.64
CA ILE A 84 -11.53 -13.34 2.53
C ILE A 84 -10.57 -13.80 1.44
N VAL A 85 -11.11 -14.13 0.28
CA VAL A 85 -10.32 -14.67 -0.82
C VAL A 85 -9.92 -13.52 -1.76
N MET A 86 -8.65 -13.47 -2.12
CA MET A 86 -8.15 -12.39 -2.97
C MET A 86 -7.08 -12.89 -3.92
N GLU A 87 -6.64 -12.05 -4.84
CA GLU A 87 -5.60 -12.44 -5.77
C GLU A 87 -4.29 -12.72 -5.05
N TYR A 88 -3.43 -13.50 -5.68
CA TYR A 88 -2.10 -13.80 -5.15
C TYR A 88 -1.08 -12.83 -5.75
N CYS A 89 -0.29 -12.19 -4.89
CA CYS A 89 0.76 -11.27 -5.30
C CYS A 89 2.12 -11.88 -4.99
N GLU A 90 2.68 -12.58 -5.98
CA GLU A 90 3.87 -13.38 -5.77
C GLU A 90 5.11 -12.58 -5.34
N GLY A 91 5.16 -11.29 -5.66
CA GLY A 91 6.32 -10.47 -5.33
C GLY A 91 6.26 -9.94 -3.90
N GLY A 92 5.16 -10.25 -3.19
CA GLY A 92 5.05 -9.87 -1.79
C GLY A 92 4.78 -8.38 -1.59
N ASP A 93 5.15 -7.84 -0.43
CA ASP A 93 4.86 -6.44 -0.15
C ASP A 93 6.10 -5.55 -0.28
N LEU A 94 5.89 -4.25 -0.36
CA LEU A 94 6.97 -3.31 -0.58
C LEU A 94 7.89 -3.17 0.65
N ALA A 95 7.34 -3.41 1.84
CA ALA A 95 8.16 -3.35 3.06
C ALA A 95 9.30 -4.36 2.99
N SER A 96 8.99 -5.57 2.52
CA SER A 96 10.03 -6.60 2.44
C SER A 96 11.07 -6.24 1.38
N VAL A 97 10.64 -5.58 0.31
CA VAL A 97 11.57 -5.16 -0.73
C VAL A 97 12.57 -4.13 -0.20
N ILE A 98 12.08 -3.17 0.58
CA ILE A 98 12.94 -2.13 1.15
C ILE A 98 13.90 -2.74 2.18
N THR A 99 13.38 -3.60 3.05
CA THR A 99 14.20 -4.26 4.06
C THR A 99 15.29 -5.07 3.38
N LYS A 100 14.91 -5.79 2.33
CA LYS A 100 15.88 -6.58 1.58
C LYS A 100 16.97 -5.69 1.02
N GLY A 101 16.59 -4.55 0.44
CA GLY A 101 17.56 -3.62 -0.11
C GLY A 101 18.44 -3.02 0.98
N THR A 102 17.83 -2.74 2.14
CA THR A 102 18.56 -2.17 3.28
C THR A 102 19.59 -3.15 3.79
N LYS A 103 19.17 -4.39 4.02
CA LYS A 103 20.04 -5.41 4.58
C LYS A 103 21.17 -5.80 3.65
N GLU A 104 20.89 -5.82 2.34
CA GLU A 104 21.87 -6.29 1.38
C GLU A 104 22.64 -5.14 0.72
N ARG A 105 22.32 -3.92 1.13
CA ARG A 105 22.96 -2.73 0.61
C ARG A 105 22.86 -2.58 -0.91
N GLN A 106 21.66 -2.73 -1.45
CA GLN A 106 21.45 -2.57 -2.89
C GLN A 106 20.22 -1.70 -3.20
N TYR A 107 20.46 -0.51 -3.75
CA TYR A 107 19.38 0.38 -4.15
C TYR A 107 18.52 -0.25 -5.26
N LEU A 108 17.27 0.17 -5.37
CA LEU A 108 16.38 -0.31 -6.44
C LEU A 108 16.51 0.52 -7.72
N ASP A 109 16.21 -0.09 -8.85
CA ASP A 109 16.24 0.59 -10.16
C ASP A 109 15.28 1.77 -10.25
N GLU A 110 15.70 2.83 -10.93
CA GLU A 110 14.78 3.95 -11.17
C GLU A 110 13.50 3.44 -11.84
N GLU A 111 13.67 2.51 -12.79
CA GLU A 111 12.51 1.95 -13.52
C GLU A 111 11.49 1.34 -12.58
N PHE A 112 11.96 0.66 -11.54
CA PHE A 112 11.06 0.12 -10.54
C PHE A 112 10.36 1.22 -9.73
N VAL A 113 11.10 2.24 -9.32
CA VAL A 113 10.50 3.37 -8.61
C VAL A 113 9.45 4.09 -9.47
N LEU A 114 9.71 4.27 -10.76
CA LEU A 114 8.73 4.89 -11.65
C LEU A 114 7.45 4.05 -11.77
N ARG A 115 7.59 2.72 -11.81
CA ARG A 115 6.43 1.85 -11.85
CA ARG A 115 6.44 1.83 -11.85
C ARG A 115 5.59 2.00 -10.60
N VAL A 116 6.24 2.01 -9.43
CA VAL A 116 5.52 2.17 -8.18
C VAL A 116 4.83 3.53 -8.15
N MET A 117 5.56 4.59 -8.52
CA MET A 117 4.97 5.93 -8.53
C MET A 117 3.70 5.97 -9.41
N THR A 118 3.84 5.52 -10.66
CA THR A 118 2.76 5.60 -11.63
C THR A 118 1.53 4.83 -11.15
N GLN A 119 1.74 3.58 -10.78
CA GLN A 119 0.65 2.68 -10.45
C GLN A 119 -0.01 2.99 -9.11
N LEU A 120 0.77 3.38 -8.09
CA LEU A 120 0.17 3.83 -6.84
C LEU A 120 -0.57 5.16 -6.99
N THR A 121 -0.07 6.03 -7.86
CA THR A 121 -0.77 7.30 -8.10
C THR A 121 -2.16 7.02 -8.73
N LEU A 122 -2.23 6.05 -9.63
CA LEU A 122 -3.50 5.65 -10.22
C LEU A 122 -4.44 4.95 -9.19
N ALA A 123 -3.86 4.20 -8.26
CA ALA A 123 -4.65 3.63 -7.16
C ALA A 123 -5.27 4.75 -6.32
N LEU A 124 -4.45 5.73 -5.97
CA LEU A 124 -4.93 6.90 -5.21
C LEU A 124 -6.05 7.61 -5.92
N LYS A 125 -5.85 7.85 -7.21
CA LYS A 125 -6.84 8.57 -8.00
C LYS A 125 -8.18 7.86 -7.91
N GLU A 126 -8.16 6.52 -7.98
CA GLU A 126 -9.38 5.74 -7.89
C GLU A 126 -9.99 5.87 -6.49
N CYS A 127 -9.15 5.76 -5.45
CA CYS A 127 -9.64 5.94 -4.08
C CYS A 127 -10.32 7.29 -3.88
N HIS A 128 -9.73 8.34 -4.43
CA HIS A 128 -10.32 9.68 -4.33
C HIS A 128 -11.61 9.76 -5.13
N ARG A 129 -11.66 9.04 -6.24
CA ARG A 129 -12.83 9.06 -7.12
C ARG A 129 -14.04 8.43 -6.45
N ARG A 130 -13.78 7.42 -5.63
CA ARG A 130 -14.86 6.68 -4.96
C ARG A 130 -15.57 7.50 -3.88
N SER A 131 -14.79 8.29 -3.14
CA SER A 131 -15.36 9.11 -2.08
C SER A 131 -15.19 10.60 -2.38
N ARG A 140 -7.42 3.94 2.89
CA ARG A 140 -6.42 2.92 2.59
C ARG A 140 -5.00 3.43 2.88
N ASP A 141 -4.23 2.64 3.63
CA ASP A 141 -2.89 3.02 4.08
C ASP A 141 -1.88 3.11 2.95
N LEU A 142 -1.25 4.29 2.82
CA LEU A 142 -0.16 4.45 1.88
C LEU A 142 1.16 4.17 2.59
N LYS A 143 1.42 2.91 2.86
CA LYS A 143 2.67 2.49 3.50
CA LYS A 143 2.69 2.52 3.48
C LYS A 143 3.21 1.23 2.84
N PRO A 144 4.52 1.00 2.93
CA PRO A 144 5.10 -0.13 2.20
C PRO A 144 4.40 -1.47 2.47
N ALA A 145 4.02 -1.73 3.73
CA ALA A 145 3.39 -3.00 4.05
C ALA A 145 2.03 -3.20 3.36
N ASN A 146 1.42 -2.10 2.93
CA ASN A 146 0.11 -2.17 2.28
C ASN A 146 0.24 -2.10 0.75
N VAL A 147 1.45 -2.33 0.25
CA VAL A 147 1.66 -2.27 -1.21
C VAL A 147 2.22 -3.61 -1.70
N PHE A 148 1.56 -4.18 -2.70
CA PHE A 148 1.87 -5.53 -3.14
C PHE A 148 2.30 -5.61 -4.60
N LEU A 149 3.12 -6.62 -4.90
CA LEU A 149 3.66 -6.81 -6.24
C LEU A 149 3.23 -8.16 -6.78
N ASP A 150 2.72 -8.17 -8.02
CA ASP A 150 2.35 -9.44 -8.64
C ASP A 150 3.53 -9.98 -9.46
N GLY A 151 3.28 -10.98 -10.30
CA GLY A 151 4.36 -11.58 -11.06
C GLY A 151 4.57 -10.98 -12.45
N LYS A 152 3.95 -9.83 -12.70
CA LYS A 152 3.90 -9.24 -14.03
C LYS A 152 4.31 -7.76 -14.01
N GLN A 153 4.98 -7.36 -12.95
CA GLN A 153 5.49 -6.00 -12.76
C GLN A 153 4.38 -5.02 -12.44
N ASN A 154 3.30 -5.54 -11.90
CA ASN A 154 2.19 -4.70 -11.47
C ASN A 154 2.27 -4.39 -9.99
N VAL A 155 1.75 -3.22 -9.62
CA VAL A 155 1.79 -2.76 -8.25
C VAL A 155 0.37 -2.52 -7.75
N LYS A 156 0.04 -3.06 -6.58
CA LYS A 156 -1.32 -3.00 -6.06
C LYS A 156 -1.42 -2.50 -4.63
N LEU A 157 -2.37 -1.60 -4.40
CA LEU A 157 -2.64 -1.08 -3.08
C LEU A 157 -3.59 -2.03 -2.34
N GLY A 158 -3.21 -2.43 -1.13
CA GLY A 158 -4.03 -3.33 -0.31
C GLY A 158 -5.06 -2.60 0.56
N ASP A 159 -5.65 -3.33 1.50
CA ASP A 159 -6.78 -2.82 2.28
C ASP A 159 -6.44 -2.41 3.72
N PHE A 160 -5.17 -2.47 4.10
CA PHE A 160 -4.78 -1.97 5.41
C PHE A 160 -5.27 -0.52 5.48
N GLY A 161 -5.98 -0.18 6.56
CA GLY A 161 -6.53 1.15 6.71
C GLY A 161 -8.04 1.21 6.51
N LEU A 162 -8.61 0.18 5.90
CA LEU A 162 -10.07 0.08 5.75
C LEU A 162 -10.54 -1.37 5.58
N PHE A 176 -0.03 2.70 17.37
CA PHE A 176 0.38 3.35 18.62
C PHE A 176 1.87 3.22 18.86
N VAL A 177 2.36 1.98 18.95
CA VAL A 177 3.77 1.73 19.23
C VAL A 177 4.70 2.36 18.19
N GLY A 178 4.30 2.29 16.92
CA GLY A 178 5.15 2.76 15.85
C GLY A 178 5.26 4.26 15.74
N THR A 179 6.35 4.72 15.13
CA THR A 179 6.52 6.13 14.81
C THR A 179 5.76 6.39 13.51
N PRO A 180 4.96 7.47 13.47
CA PRO A 180 4.16 7.79 12.28
C PRO A 180 4.96 8.53 11.20
N TYR A 181 5.97 7.85 10.65
CA TYR A 181 6.90 8.44 9.68
C TYR A 181 6.26 9.19 8.51
N TYR A 182 5.11 8.71 8.06
CA TYR A 182 4.51 9.22 6.82
C TYR A 182 3.41 10.25 7.04
N MET A 183 3.23 10.70 8.27
CA MET A 183 2.16 11.65 8.55
C MET A 183 2.49 13.06 8.05
N SER A 184 1.55 13.67 7.34
CA SER A 184 1.74 15.01 6.78
C SER A 184 1.67 16.09 7.85
N PRO A 185 2.24 17.27 7.56
CA PRO A 185 2.15 18.41 8.47
C PRO A 185 0.70 18.83 8.78
N GLU A 186 -0.23 18.69 7.82
CA GLU A 186 -1.64 19.02 8.06
C GLU A 186 -2.19 18.13 9.16
N GLN A 187 -1.93 16.84 9.04
CA GLN A 187 -2.47 15.86 9.96
C GLN A 187 -1.89 16.04 11.36
N MET A 188 -0.62 16.42 11.43
CA MET A 188 0.03 16.57 12.74
CA MET A 188 0.06 16.60 12.73
C MET A 188 -0.53 17.75 13.54
N ASN A 189 -1.37 18.56 12.91
CA ASN A 189 -2.14 19.59 13.62
C ASN A 189 -3.62 19.44 13.26
N ARG A 190 -4.00 20.07 12.15
CA ARG A 190 -5.33 19.92 11.57
C ARG A 190 -5.41 20.74 10.28
N MET A 191 -6.13 20.22 9.29
CA MET A 191 -6.82 18.93 9.41
C MET A 191 -6.41 17.99 8.28
N ASN A 194 -8.19 15.79 3.23
CA ASN A 194 -7.35 16.48 2.26
C ASN A 194 -6.54 15.52 1.39
N GLU A 195 -6.87 15.49 0.10
CA GLU A 195 -6.22 14.59 -0.84
C GLU A 195 -4.72 14.89 -1.04
N LYS A 196 -4.33 16.15 -0.85
CA LYS A 196 -2.92 16.50 -0.91
C LYS A 196 -2.13 15.87 0.24
N SER A 197 -2.80 15.50 1.32
CA SER A 197 -2.12 14.77 2.41
C SER A 197 -1.68 13.41 1.91
N ASP A 198 -2.48 12.82 1.05
CA ASP A 198 -2.14 11.52 0.49
C ASP A 198 -0.89 11.65 -0.39
N ILE A 199 -0.77 12.78 -1.10
CA ILE A 199 0.38 13.04 -1.97
C ILE A 199 1.67 13.07 -1.15
N TRP A 200 1.61 13.71 0.02
CA TRP A 200 2.76 13.74 0.93
C TRP A 200 3.15 12.32 1.33
N SER A 201 2.15 11.52 1.75
CA SER A 201 2.42 10.13 2.14
C SER A 201 3.07 9.30 1.03
N LEU A 202 2.59 9.48 -0.20
CA LEU A 202 3.19 8.84 -1.36
C LEU A 202 4.64 9.31 -1.53
N GLY A 203 4.86 10.62 -1.38
CA GLY A 203 6.20 11.16 -1.43
C GLY A 203 7.10 10.44 -0.44
N CYS A 204 6.61 10.25 0.79
CA CYS A 204 7.40 9.58 1.83
C CYS A 204 7.75 8.16 1.40
N LEU A 205 6.75 7.44 0.90
CA LEU A 205 6.91 6.04 0.46
C LEU A 205 7.92 5.93 -0.68
N LEU A 206 7.76 6.78 -1.69
CA LEU A 206 8.69 6.75 -2.83
C LEU A 206 10.08 7.19 -2.37
N TYR A 207 10.13 8.14 -1.44
CA TYR A 207 11.43 8.57 -0.92
C TYR A 207 12.12 7.38 -0.25
N GLU A 208 11.36 6.67 0.60
CA GLU A 208 11.95 5.54 1.31
C GLU A 208 12.38 4.44 0.33
N LEU A 209 11.59 4.26 -0.72
CA LEU A 209 11.93 3.27 -1.74
C LEU A 209 13.30 3.60 -2.37
N CYS A 210 13.55 4.89 -2.59
CA CYS A 210 14.83 5.31 -3.17
C CYS A 210 16.01 5.31 -2.18
N ALA A 211 15.78 5.87 -0.99
CA ALA A 211 16.86 6.09 -0.02
C ALA A 211 17.05 4.88 0.92
N LEU A 212 16.02 4.04 1.00
CA LEU A 212 16.01 2.89 1.91
C LEU A 212 15.93 3.36 3.36
N MET A 213 15.42 4.57 3.54
CA MET A 213 15.08 5.13 4.85
C MET A 213 14.05 6.23 4.59
N PRO A 214 13.20 6.54 5.58
CA PRO A 214 12.18 7.58 5.40
C PRO A 214 12.85 8.96 5.37
N PRO A 215 12.15 9.98 4.88
CA PRO A 215 12.82 11.29 4.73
C PRO A 215 13.05 11.96 6.08
N PHE A 216 12.17 11.69 7.05
CA PHE A 216 12.33 12.23 8.40
C PHE A 216 12.38 11.06 9.40
N THR A 217 13.49 10.96 10.11
CA THR A 217 13.64 9.91 11.13
C THR A 217 13.81 10.53 12.50
N ALA A 218 13.47 9.77 13.53
CA ALA A 218 13.57 10.25 14.90
C ALA A 218 13.21 9.10 15.83
N PHE A 219 13.51 9.25 17.12
CA PHE A 219 13.25 8.19 18.09
C PHE A 219 11.88 8.36 18.76
N SER A 220 11.40 9.59 18.82
CA SER A 220 10.08 9.86 19.39
C SER A 220 9.20 10.64 18.41
N GLN A 221 7.89 10.58 18.62
CA GLN A 221 6.97 11.31 17.77
C GLN A 221 7.17 12.82 17.83
N LYS A 222 7.53 13.32 19.01
CA LYS A 222 7.76 14.75 19.18
C LYS A 222 9.01 15.21 18.44
N GLU A 223 10.07 14.38 18.46
CA GLU A 223 11.27 14.68 17.72
C GLU A 223 10.93 14.65 16.22
N LEU A 224 10.18 13.64 15.81
CA LEU A 224 9.72 13.48 14.44
C LEU A 224 8.94 14.71 13.97
N ALA A 225 8.01 15.17 14.81
CA ALA A 225 7.18 16.32 14.46
C ALA A 225 8.04 17.57 14.24
N GLY A 226 9.06 17.75 15.07
CA GLY A 226 10.00 18.86 14.90
C GLY A 226 10.67 18.85 13.54
N LYS A 227 11.08 17.66 13.09
CA LYS A 227 11.75 17.52 11.79
C LYS A 227 10.82 17.77 10.60
N ILE A 228 9.60 17.24 10.68
CA ILE A 228 8.62 17.44 9.61
C ILE A 228 8.33 18.91 9.41
N ARG A 229 8.19 19.65 10.51
CA ARG A 229 7.92 21.08 10.45
C ARG A 229 9.01 21.88 9.76
N GLU A 230 10.26 21.47 9.94
CA GLU A 230 11.36 22.09 9.20
C GLU A 230 11.30 21.75 7.70
N GLY A 231 10.76 20.58 7.37
CA GLY A 231 10.60 20.14 6.00
C GLY A 231 11.90 19.91 5.26
N LYS A 232 13.00 19.67 5.98
CA LYS A 232 14.30 19.42 5.36
C LYS A 232 14.66 17.93 5.37
N PHE A 233 15.34 17.48 4.32
CA PHE A 233 15.73 16.08 4.19
C PHE A 233 16.86 16.01 3.20
N ARG A 234 17.50 14.85 3.14
CA ARG A 234 18.60 14.63 2.22
C ARG A 234 18.06 14.40 0.81
N ARG A 235 18.86 14.71 -0.20
CA ARG A 235 18.49 14.35 -1.55
C ARG A 235 18.47 12.82 -1.59
N ILE A 236 17.58 12.25 -2.39
CA ILE A 236 17.65 10.81 -2.68
C ILE A 236 18.99 10.57 -3.36
N PRO A 237 19.49 9.32 -3.34
CA PRO A 237 20.82 9.00 -3.87
C PRO A 237 21.04 9.45 -5.32
N TYR A 238 22.30 9.77 -5.64
CA TYR A 238 22.66 10.34 -6.95
C TYR A 238 22.46 9.41 -8.13
N ARG A 239 22.32 8.12 -7.86
CA ARG A 239 21.98 7.17 -8.92
C ARG A 239 20.59 7.49 -9.52
N TYR A 240 19.76 8.23 -8.78
CA TYR A 240 18.45 8.67 -9.28
C TYR A 240 18.49 10.04 -9.95
N SER A 241 17.73 10.18 -11.02
CA SER A 241 17.79 11.39 -11.86
C SER A 241 17.30 12.62 -11.11
N ASP A 242 17.80 13.80 -11.51
CA ASP A 242 17.27 15.08 -11.05
C ASP A 242 15.74 15.17 -11.21
N GLU A 243 15.22 14.60 -12.30
CA GLU A 243 13.78 14.66 -12.54
C GLU A 243 12.99 13.88 -11.48
N LEU A 244 13.46 12.69 -11.13
CA LEU A 244 12.81 11.88 -10.10
C LEU A 244 12.97 12.55 -8.72
N ASN A 245 14.17 13.02 -8.42
CA ASN A 245 14.36 13.77 -7.18
C ASN A 245 13.39 14.96 -7.07
N GLU A 246 13.23 15.69 -8.17
CA GLU A 246 12.36 16.88 -8.18
C GLU A 246 10.89 16.56 -7.84
N ILE A 247 10.33 15.52 -8.44
CA ILE A 247 8.92 15.25 -8.21
C ILE A 247 8.67 14.71 -6.79
N ILE A 248 9.57 13.85 -6.31
CA ILE A 248 9.45 13.38 -4.93
C ILE A 248 9.57 14.56 -3.96
N THR A 249 10.53 15.45 -4.21
CA THR A 249 10.69 16.65 -3.40
C THR A 249 9.45 17.54 -3.40
N ARG A 250 8.80 17.69 -4.57
CA ARG A 250 7.55 18.47 -4.67
C ARG A 250 6.44 17.85 -3.83
N MET A 251 6.35 16.52 -3.83
CA MET A 251 5.35 15.84 -3.02
C MET A 251 5.57 16.09 -1.53
N LEU A 252 6.82 16.33 -1.14
CA LEU A 252 7.15 16.58 0.27
C LEU A 252 7.18 18.08 0.58
N ASN A 253 6.47 18.88 -0.19
CA ASN A 253 6.38 20.30 0.14
C ASN A 253 5.55 20.50 1.42
N LEU A 254 5.98 21.41 2.28
CA LEU A 254 5.26 21.70 3.52
C LEU A 254 3.84 22.23 3.27
N LYS A 255 3.64 22.93 2.16
CA LYS A 255 2.32 23.48 1.81
C LYS A 255 1.57 22.51 0.92
N ASP A 256 0.41 22.06 1.36
CA ASP A 256 -0.34 21.07 0.59
C ASP A 256 -0.62 21.57 -0.82
N TYR A 257 -0.87 22.87 -0.95
CA TYR A 257 -1.19 23.43 -2.27
C TYR A 257 0.00 23.55 -3.23
N HIS A 258 1.22 23.31 -2.74
CA HIS A 258 2.36 23.23 -3.67
C HIS A 258 2.68 21.81 -4.13
N ARG A 259 2.11 20.82 -3.45
CA ARG A 259 2.29 19.44 -3.90
C ARG A 259 1.50 19.23 -5.18
N PRO A 260 2.05 18.42 -6.08
CA PRO A 260 1.36 18.13 -7.35
C PRO A 260 0.12 17.28 -7.07
N SER A 261 -0.94 17.48 -7.85
CA SER A 261 -2.12 16.60 -7.81
C SER A 261 -1.80 15.30 -8.53
N VAL A 262 -2.68 14.31 -8.45
CA VAL A 262 -2.45 13.06 -9.17
C VAL A 262 -2.30 13.33 -10.67
N GLU A 263 -3.12 14.24 -11.20
CA GLU A 263 -3.07 14.60 -12.61
C GLU A 263 -1.70 15.19 -12.98
N GLU A 264 -1.19 16.10 -12.15
CA GLU A 264 0.10 16.71 -12.41
C GLU A 264 1.24 15.71 -12.31
N ILE A 265 1.11 14.72 -11.41
CA ILE A 265 2.11 13.66 -11.31
C ILE A 265 2.19 12.87 -12.61
N LEU A 266 1.03 12.42 -13.11
CA LEU A 266 0.97 11.55 -14.29
C LEU A 266 1.39 12.25 -15.59
N GLU A 267 1.29 13.57 -15.60
CA GLU A 267 1.77 14.35 -16.75
C GLU A 267 3.30 14.42 -16.81
N ASN A 268 3.99 13.96 -15.77
CA ASN A 268 5.46 14.07 -15.76
C ASN A 268 6.13 13.31 -16.92
N PRO A 269 7.05 13.97 -17.64
CA PRO A 269 7.76 13.33 -18.75
C PRO A 269 8.39 11.99 -18.38
N LEU A 270 8.72 11.81 -17.10
CA LEU A 270 9.26 10.53 -16.61
C LEU A 270 8.30 9.36 -16.85
N ILE A 271 7.00 9.61 -16.76
CA ILE A 271 6.04 8.51 -16.70
C ILE A 271 5.55 8.06 -18.07
N LEU A 272 5.84 6.81 -18.42
CA LEU A 272 5.53 6.25 -19.73
C LEU A 272 4.56 5.05 -19.70
N GLU A 273 4.07 4.65 -20.87
CA GLU A 273 3.09 3.56 -20.94
C GLU A 273 3.58 2.33 -20.18
N HIS A 274 4.85 1.97 -20.39
CA HIS A 274 5.37 0.72 -19.83
C HIS A 274 5.41 0.72 -18.29
N HIS A 275 5.33 1.90 -17.66
CA HIS A 275 5.31 2.00 -16.20
C HIS A 275 3.93 1.67 -15.59
N HIS A 276 2.91 1.58 -16.45
CA HIS A 276 1.53 1.29 -16.03
C HIS A 276 1.32 -0.21 -15.91
N HIS A 277 0.13 -0.64 -15.50
CA HIS A 277 -0.13 -2.07 -15.35
C HIS A 277 -0.27 -2.73 -16.71
N HIS A 278 0.11 -4.01 -16.76
CA HIS A 278 -0.15 -4.91 -17.88
C HIS A 278 -0.62 -6.29 -17.39
N HIS A 279 -1.70 -6.77 -17.98
CA HIS A 279 -2.28 -8.08 -17.65
C HIS A 279 -1.40 -9.25 -18.07
#